data_5FP9
#
_entry.id   5FP9
#
_cell.length_a   71.416
_cell.length_b   71.416
_cell.length_c   150.292
_cell.angle_alpha   90.00
_cell.angle_beta   90.00
_cell.angle_gamma   90.00
#
_symmetry.space_group_name_H-M   'P 43 21 2'
#
loop_
_entity.id
_entity.type
_entity.pdbx_description
1 polymer 'HUMAN LYSINE-SPECIFIC DEMETHYLASE 4D JMJC DOMAIN-CONTAINING HISTONE DEMETHYLATION PROTEIN 3D, JUMONJI DOMAIN-CONTAINING PROTEIN 2D, JMJD2D'
2 non-polymer 'ZINC ION'
3 non-polymer 'COBALT (II) ION'
4 non-polymer GLYCEROL
5 non-polymer '3-AMINOPYRIDINE-4-CARBOXYLIC ACID'
6 non-polymer 'SULFATE ION'
7 water water
#
_entity_poly.entity_id   1
_entity_poly.type   'polypeptide(L)'
_entity_poly.pdbx_seq_one_letter_code
;GHMAQNPNCNIMIFHPTKEEFNDFDKYIAYMESQGAHRAGLAKIIPPKEWKARETYDNISEILIATPLQQVASGRAGVFT
QYHKKKKAMTVGEYRHLANSKKYQTPPHQNFEDLERKYWKNRIYNSPIYGADISGSLFDENTKQWNLGHLGTIQDLLEKE
(CSX)GVVIEGVNTPYLYFGMWKTTFAWHTEDMDLYSINYLHLGEPKTWYVVPPEHGQRLERLARELFPGSSRGCGAFLR
HKVALISPTVLKENGIPFNRITQEAGEFMVTFPYGYHAGFNHGFNCAEAINFATPRWIDYGKMASQCSCGEARVTFSMDA
FVRILQPERYDLWKRGQD
;
_entity_poly.pdbx_strand_id   A
#
loop_
_chem_comp.id
_chem_comp.type
_chem_comp.name
_chem_comp.formula
4SV non-polymer '3-AMINOPYRIDINE-4-CARBOXYLIC ACID' 'C6 H6 N2 O2'
CO non-polymer 'COBALT (II) ION' 'Co 2'
GOL non-polymer GLYCEROL 'C3 H8 O3'
SO4 non-polymer 'SULFATE ION' 'O4 S -2'
ZN non-polymer 'ZINC ION' 'Zn 2'
#
# COMPACT_ATOMS: atom_id res chain seq x y z
N ALA A 4 18.86 -12.87 -16.26
CA ALA A 4 17.87 -12.09 -15.46
C ALA A 4 16.93 -13.01 -14.68
N GLN A 5 16.80 -12.74 -13.39
CA GLN A 5 15.91 -13.54 -12.53
C GLN A 5 14.47 -13.05 -12.66
N ASN A 6 13.52 -13.98 -12.56
CA ASN A 6 12.09 -13.67 -12.61
C ASN A 6 11.70 -12.79 -13.83
N PRO A 7 12.08 -13.22 -15.04
CA PRO A 7 11.79 -12.45 -16.26
C PRO A 7 10.30 -12.26 -16.59
N ASN A 8 9.45 -13.19 -16.17
CA ASN A 8 7.99 -13.02 -16.32
C ASN A 8 7.38 -12.08 -15.26
N CYS A 9 8.20 -11.58 -14.31
CA CYS A 9 7.74 -10.68 -13.26
C CYS A 9 6.61 -11.28 -12.39
N ASN A 10 6.75 -12.57 -12.05
CA ASN A 10 5.80 -13.23 -11.17
C ASN A 10 5.94 -12.76 -9.73
N ILE A 11 4.84 -12.71 -9.01
CA ILE A 11 4.86 -12.44 -7.58
C ILE A 11 5.47 -13.64 -6.87
N MET A 12 6.57 -13.41 -6.16
CA MET A 12 7.28 -14.49 -5.48
C MET A 12 6.91 -14.53 -4.01
N ILE A 13 6.87 -15.76 -3.48
CA ILE A 13 6.51 -16.01 -2.09
C ILE A 13 7.73 -16.60 -1.37
N PHE A 14 8.10 -16.00 -0.24
CA PHE A 14 9.28 -16.41 0.52
C PHE A 14 8.92 -17.01 1.87
N HIS A 15 9.71 -18.01 2.29
CA HIS A 15 9.52 -18.70 3.57
C HIS A 15 10.82 -18.69 4.36
N PRO A 16 11.21 -17.51 4.91
CA PRO A 16 12.46 -17.46 5.67
C PRO A 16 12.47 -18.35 6.91
N THR A 17 13.63 -18.94 7.20
CA THR A 17 13.87 -19.59 8.48
C THR A 17 14.04 -18.49 9.53
N LYS A 18 13.94 -18.85 10.80
CA LYS A 18 14.17 -17.89 11.88
C LYS A 18 15.57 -17.26 11.81
N GLU A 19 16.54 -18.02 11.32
CA GLU A 19 17.91 -17.51 11.14
C GLU A 19 17.94 -16.44 10.05
N GLU A 20 17.25 -16.71 8.94
CA GLU A 20 17.15 -15.78 7.83
C GLU A 20 16.27 -14.57 8.16
N PHE A 21 15.42 -14.70 9.18
CA PHE A 21 14.51 -13.64 9.57
C PHE A 21 15.16 -12.59 10.48
N ASN A 22 16.45 -12.78 10.78
CA ASN A 22 17.14 -11.97 11.78
C ASN A 22 17.80 -10.70 11.24
N ASP A 23 17.90 -10.58 9.92
CA ASP A 23 18.50 -9.39 9.30
C ASP A 23 17.61 -8.93 8.15
N PHE A 24 16.80 -7.92 8.43
CA PHE A 24 15.80 -7.41 7.49
C PHE A 24 16.41 -6.98 6.16
N ASP A 25 17.38 -6.07 6.21
CA ASP A 25 18.03 -5.55 5.00
C ASP A 25 18.66 -6.65 4.16
N LYS A 26 19.31 -7.60 4.83
CA LYS A 26 19.92 -8.74 4.16
C LYS A 26 18.88 -9.55 3.39
N TYR A 27 17.72 -9.79 3.99
CA TYR A 27 16.70 -10.63 3.36
C TYR A 27 16.00 -9.91 2.21
N ILE A 28 15.76 -8.62 2.34
CA ILE A 28 15.24 -7.82 1.23
C ILE A 28 16.20 -7.91 0.04
N ALA A 29 17.50 -7.78 0.30
CA ALA A 29 18.50 -7.89 -0.73
C ALA A 29 18.52 -9.28 -1.36
N TYR A 30 18.39 -10.33 -0.54
CA TYR A 30 18.28 -11.69 -1.03
C TYR A 30 17.06 -11.86 -1.95
N MET A 31 15.92 -11.35 -1.52
CA MET A 31 14.70 -11.41 -2.33
C MET A 31 14.92 -10.80 -3.70
N GLU A 32 15.61 -9.66 -3.73
CA GLU A 32 15.87 -8.99 -4.99
C GLU A 32 16.91 -9.73 -5.84
N SER A 33 17.85 -10.43 -5.20
CA SER A 33 18.79 -11.30 -5.93
C SER A 33 18.06 -12.41 -6.70
N GLN A 34 16.89 -12.80 -6.21
CA GLN A 34 16.04 -13.79 -6.91
C GLN A 34 15.03 -13.16 -7.86
N GLY A 35 15.12 -11.84 -8.05
CA GLY A 35 14.27 -11.12 -8.99
C GLY A 35 12.90 -10.72 -8.46
N ALA A 36 12.70 -10.79 -7.15
CA ALA A 36 11.38 -10.53 -6.54
C ALA A 36 10.83 -9.15 -6.88
N HIS A 37 11.71 -8.16 -6.85
CA HIS A 37 11.33 -6.77 -7.17
C HIS A 37 10.68 -6.57 -8.54
N ARG A 38 10.99 -7.44 -9.50
CA ARG A 38 10.43 -7.29 -10.85
C ARG A 38 8.90 -7.39 -10.90
N ALA A 39 8.31 -8.16 -9.98
CA ALA A 39 6.86 -8.23 -9.86
C ALA A 39 6.23 -6.94 -9.33
N GLY A 40 6.98 -6.21 -8.51
CA GLY A 40 6.45 -5.01 -7.84
C GLY A 40 5.94 -5.31 -6.44
N LEU A 41 5.80 -6.60 -6.13
CA LEU A 41 5.18 -7.05 -4.87
C LEU A 41 5.70 -8.44 -4.57
N ALA A 42 5.98 -8.71 -3.29
CA ALA A 42 6.34 -10.06 -2.82
C ALA A 42 5.61 -10.37 -1.51
N LYS A 43 5.34 -11.65 -1.30
CA LYS A 43 4.80 -12.15 -0.04
C LYS A 43 5.92 -12.80 0.78
N ILE A 44 5.94 -12.52 2.08
CA ILE A 44 6.87 -13.15 3.00
C ILE A 44 6.07 -13.81 4.13
N ILE A 45 6.19 -15.13 4.23
CA ILE A 45 5.58 -15.91 5.30
CA ILE A 45 5.57 -15.88 5.29
C ILE A 45 6.58 -16.00 6.44
N PRO A 46 6.25 -15.45 7.63
CA PRO A 46 7.22 -15.52 8.73
C PRO A 46 7.52 -16.94 9.18
N PRO A 47 8.66 -17.14 9.85
CA PRO A 47 8.97 -18.44 10.45
C PRO A 47 7.84 -18.89 11.38
N LYS A 48 7.60 -20.20 11.44
CA LYS A 48 6.54 -20.76 12.29
C LYS A 48 6.62 -20.38 13.77
N GLU A 49 7.82 -20.07 14.26
CA GLU A 49 8.00 -19.72 15.67
C GLU A 49 7.93 -18.21 15.94
N TRP A 50 7.70 -17.42 14.89
CA TRP A 50 7.62 -15.97 15.02
C TRP A 50 6.19 -15.53 15.32
N LYS A 51 6.04 -14.44 16.07
CA LYS A 51 4.75 -13.81 16.28
C LYS A 51 4.91 -12.29 16.43
N ALA A 52 3.92 -11.53 15.99
CA ALA A 52 3.94 -10.06 16.09
C ALA A 52 3.70 -9.62 17.53
N ARG A 53 2.79 -10.31 18.20
CA ARG A 53 2.46 -10.04 19.59
C ARG A 53 1.76 -11.26 20.16
N GLU A 54 1.52 -11.26 21.47
CA GLU A 54 0.95 -12.42 22.14
C GLU A 54 -0.50 -12.68 21.72
N THR A 55 -1.37 -11.69 21.92
CA THR A 55 -2.77 -11.80 21.50
C THR A 55 -3.25 -10.46 20.96
N TYR A 56 -4.42 -10.50 20.32
CA TYR A 56 -5.11 -9.29 19.87
C TYR A 56 -6.39 -9.05 20.68
N ASP A 57 -6.40 -9.44 21.94
CA ASP A 57 -7.58 -9.33 22.79
C ASP A 57 -7.80 -7.92 23.34
N ASN A 58 -6.76 -7.08 23.33
CA ASN A 58 -6.82 -5.79 24.00
C ASN A 58 -6.74 -4.57 23.06
N ILE A 59 -7.35 -4.69 21.87
CA ILE A 59 -7.24 -3.65 20.82
C ILE A 59 -8.53 -2.87 20.55
N SER A 60 -9.60 -3.19 21.26
CA SER A 60 -10.92 -2.59 21.00
C SER A 60 -10.99 -1.11 21.37
N GLU A 61 -10.09 -0.63 22.23
CA GLU A 61 -10.13 0.76 22.69
C GLU A 61 -9.27 1.70 21.84
N ILE A 62 -8.58 1.16 20.83
CA ILE A 62 -7.92 2.01 19.85
C ILE A 62 -8.99 2.89 19.19
N LEU A 63 -8.66 4.17 19.01
CA LEU A 63 -9.59 5.11 18.40
C LEU A 63 -9.28 5.30 16.94
N ILE A 64 -10.32 5.19 16.12
CA ILE A 64 -10.30 5.58 14.73
C ILE A 64 -10.89 6.99 14.71
N ALA A 65 -10.03 8.00 14.79
CA ALA A 65 -10.47 9.38 14.93
C ALA A 65 -11.31 9.87 13.73
N THR A 66 -10.95 9.41 12.52
CA THR A 66 -11.65 9.86 11.31
C THR A 66 -11.86 8.69 10.34
N PRO A 67 -12.87 7.86 10.61
CA PRO A 67 -13.22 6.80 9.67
C PRO A 67 -13.61 7.43 8.33
N LEU A 68 -13.28 6.74 7.24
CA LEU A 68 -13.51 7.27 5.91
C LEU A 68 -14.49 6.40 5.13
N GLN A 69 -15.64 6.98 4.79
CA GLN A 69 -16.61 6.30 3.94
C GLN A 69 -16.19 6.46 2.49
N GLN A 70 -15.99 5.33 1.80
CA GLN A 70 -15.42 5.34 0.47
C GLN A 70 -16.53 5.32 -0.59
N VAL A 71 -16.83 6.49 -1.14
CA VAL A 71 -17.94 6.67 -2.07
C VAL A 71 -17.43 6.61 -3.52
N ALA A 72 -17.98 5.70 -4.32
CA ALA A 72 -17.52 5.50 -5.70
C ALA A 72 -18.34 6.28 -6.73
N SER A 73 -17.68 6.62 -7.84
CA SER A 73 -18.33 7.20 -9.03
C SER A 73 -17.69 6.62 -10.27
N GLY A 74 -18.50 6.29 -11.27
CA GLY A 74 -18.00 5.76 -12.55
C GLY A 74 -18.76 4.50 -12.92
N ARG A 75 -18.05 3.52 -13.46
CA ARG A 75 -18.64 2.22 -13.78
CA ARG A 75 -18.65 2.23 -13.78
C ARG A 75 -17.97 1.13 -12.97
N ALA A 76 -18.57 -0.06 -12.98
CA ALA A 76 -18.13 -1.17 -12.11
C ALA A 76 -16.62 -1.43 -12.16
N GLY A 77 -16.05 -1.42 -13.36
CA GLY A 77 -14.63 -1.74 -13.56
C GLY A 77 -13.69 -0.54 -13.71
N VAL A 78 -14.25 0.66 -13.74
CA VAL A 78 -13.49 1.90 -13.92
C VAL A 78 -14.20 2.97 -13.10
N PHE A 79 -13.68 3.24 -11.91
CA PHE A 79 -14.31 4.21 -11.02
C PHE A 79 -13.30 5.00 -10.19
N THR A 80 -13.75 6.11 -9.65
CA THR A 80 -12.99 6.85 -8.65
C THR A 80 -13.72 6.75 -7.32
N GLN A 81 -12.98 6.89 -6.22
CA GLN A 81 -13.61 6.94 -4.91
C GLN A 81 -13.16 8.18 -4.18
N TYR A 82 -14.09 8.83 -3.49
CA TYR A 82 -13.75 9.93 -2.60
C TYR A 82 -14.06 9.50 -1.17
N HIS A 83 -13.40 10.16 -0.23
CA HIS A 83 -13.48 9.79 1.17
C HIS A 83 -14.29 10.82 1.94
N LYS A 84 -15.42 10.36 2.47
CA LYS A 84 -16.28 11.19 3.28
C LYS A 84 -15.93 10.91 4.74
N LYS A 85 -15.50 11.96 5.44
CA LYS A 85 -15.13 11.84 6.86
C LYS A 85 -16.37 11.54 7.71
N LYS A 86 -16.24 10.57 8.61
CA LYS A 86 -17.31 10.20 9.52
C LYS A 86 -16.86 10.49 10.94
N LYS A 87 -17.80 10.43 11.88
CA LYS A 87 -17.48 10.66 13.30
C LYS A 87 -16.59 9.54 13.84
N ALA A 88 -15.79 9.88 14.85
CA ALA A 88 -14.85 8.93 15.45
C ALA A 88 -15.56 7.71 16.02
N MET A 89 -14.88 6.57 15.97
CA MET A 89 -15.35 5.39 16.66
C MET A 89 -14.16 4.55 17.09
N THR A 90 -14.36 3.71 18.10
CA THR A 90 -13.32 2.82 18.57
C THR A 90 -13.24 1.62 17.63
N VAL A 91 -12.15 0.86 17.73
CA VAL A 91 -12.00 -0.36 16.96
C VAL A 91 -13.11 -1.37 17.30
N GLY A 92 -13.50 -1.42 18.57
CA GLY A 92 -14.63 -2.24 19.00
C GLY A 92 -15.91 -1.89 18.28
N GLU A 93 -16.20 -0.60 18.18
CA GLU A 93 -17.38 -0.13 17.46
C GLU A 93 -17.25 -0.36 15.95
N TYR A 94 -16.06 -0.14 15.42
CA TYR A 94 -15.80 -0.38 14.01
C TYR A 94 -15.99 -1.85 13.63
N ARG A 95 -15.47 -2.75 14.47
CA ARG A 95 -15.56 -4.19 14.25
C ARG A 95 -17.02 -4.65 14.23
N HIS A 96 -17.82 -4.12 15.15
CA HIS A 96 -19.25 -4.40 15.20
C HIS A 96 -19.99 -3.90 13.94
N LEU A 97 -19.60 -2.72 13.46
CA LEU A 97 -20.17 -2.17 12.22
C LEU A 97 -19.79 -3.01 11.01
N ALA A 98 -18.52 -3.40 10.94
CA ALA A 98 -18.03 -4.24 9.85
C ALA A 98 -18.78 -5.58 9.77
N ASN A 99 -19.11 -6.14 10.93
CA ASN A 99 -19.82 -7.43 11.01
C ASN A 99 -21.35 -7.32 10.91
N SER A 100 -21.87 -6.10 10.84
CA SER A 100 -23.32 -5.89 10.72
C SER A 100 -23.83 -6.34 9.35
N LYS A 101 -25.14 -6.55 9.26
CA LYS A 101 -25.76 -7.01 8.02
C LYS A 101 -25.45 -6.08 6.83
N LYS A 102 -25.43 -4.78 7.09
CA LYS A 102 -25.17 -3.81 6.03
C LYS A 102 -23.77 -3.95 5.43
N TYR A 103 -22.77 -4.24 6.26
CA TYR A 103 -21.37 -4.21 5.82
C TYR A 103 -20.64 -5.55 5.76
N GLN A 104 -21.23 -6.62 6.27
CA GLN A 104 -20.52 -7.90 6.39
C GLN A 104 -20.20 -8.51 5.04
N THR A 105 -19.14 -9.32 5.02
CA THR A 105 -18.80 -10.13 3.85
C THR A 105 -19.98 -11.02 3.47
N PRO A 106 -20.37 -11.03 2.18
CA PRO A 106 -21.51 -11.83 1.76
C PRO A 106 -21.13 -13.30 1.62
N PRO A 107 -22.14 -14.19 1.61
CA PRO A 107 -21.85 -15.59 1.30
C PRO A 107 -21.12 -15.70 -0.04
N HIS A 108 -20.14 -16.59 -0.09
CA HIS A 108 -19.33 -16.81 -1.29
C HIS A 108 -18.71 -18.20 -1.24
N GLN A 109 -18.38 -18.74 -2.41
CA GLN A 109 -17.81 -20.09 -2.51
C GLN A 109 -16.32 -20.13 -2.19
N ASN A 110 -15.57 -19.12 -2.64
CA ASN A 110 -14.12 -19.06 -2.49
C ASN A 110 -13.60 -17.65 -2.78
N PHE A 111 -12.27 -17.45 -2.75
CA PHE A 111 -11.67 -16.14 -3.06
C PHE A 111 -12.08 -15.62 -4.44
N GLU A 112 -12.12 -16.51 -5.44
CA GLU A 112 -12.43 -16.13 -6.82
C GLU A 112 -13.86 -15.60 -6.94
N ASP A 113 -14.80 -16.25 -6.25
CA ASP A 113 -16.19 -15.81 -6.20
C ASP A 113 -16.28 -14.44 -5.52
N LEU A 114 -15.55 -14.28 -4.42
CA LEU A 114 -15.55 -13.01 -3.70
C LEU A 114 -14.98 -11.87 -4.56
N GLU A 115 -13.90 -12.17 -5.28
CA GLU A 115 -13.30 -11.20 -6.21
C GLU A 115 -14.30 -10.78 -7.29
N ARG A 116 -15.02 -11.76 -7.83
CA ARG A 116 -16.08 -11.51 -8.81
C ARG A 116 -17.13 -10.56 -8.23
N LYS A 117 -17.58 -10.86 -7.02
CA LYS A 117 -18.58 -10.03 -6.35
C LYS A 117 -18.09 -8.62 -6.08
N TYR A 118 -16.82 -8.49 -5.68
CA TYR A 118 -16.21 -7.18 -5.44
C TYR A 118 -16.32 -6.31 -6.68
N TRP A 119 -15.78 -6.78 -7.80
CA TRP A 119 -15.73 -5.96 -9.02
C TRP A 119 -17.10 -5.73 -9.64
N LYS A 120 -18.01 -6.69 -9.46
CA LYS A 120 -19.39 -6.52 -9.92
C LYS A 120 -20.14 -5.48 -9.09
N ASN A 121 -19.97 -5.51 -7.77
CA ASN A 121 -20.84 -4.79 -6.84
C ASN A 121 -20.22 -3.63 -6.06
N ARG A 122 -18.90 -3.50 -6.06
CA ARG A 122 -18.20 -2.50 -5.22
C ARG A 122 -18.82 -1.09 -5.30
N ILE A 123 -19.07 -0.60 -6.51
CA ILE A 123 -19.49 0.79 -6.67
C ILE A 123 -20.86 1.10 -6.05
N TYR A 124 -21.69 0.07 -5.84
CA TYR A 124 -23.03 0.25 -5.30
C TYR A 124 -23.11 0.28 -3.77
N ASN A 125 -21.95 0.17 -3.11
CA ASN A 125 -21.88 0.29 -1.66
C ASN A 125 -20.80 1.28 -1.29
N SER A 126 -20.90 1.86 -0.09
CA SER A 126 -19.92 2.80 0.40
C SER A 126 -19.40 2.32 1.75
N PRO A 127 -18.40 1.42 1.73
CA PRO A 127 -17.85 0.91 2.98
C PRO A 127 -17.00 1.96 3.70
N ILE A 128 -16.78 1.72 4.98
CA ILE A 128 -16.07 2.66 5.84
C ILE A 128 -14.71 2.06 6.21
N TYR A 129 -13.65 2.86 6.01
CA TYR A 129 -12.28 2.40 6.16
C TYR A 129 -11.60 3.20 7.26
N GLY A 130 -11.02 2.48 8.23
CA GLY A 130 -10.21 3.11 9.27
C GLY A 130 -8.75 3.11 8.84
N ALA A 131 -8.41 4.01 7.92
CA ALA A 131 -7.10 4.02 7.30
C ALA A 131 -6.15 5.07 7.89
N ASP A 132 -4.85 4.82 7.76
CA ASP A 132 -3.79 5.79 8.04
C ASP A 132 -3.79 6.28 9.49
N ILE A 133 -3.97 5.35 10.42
CA ILE A 133 -3.92 5.66 11.84
C ILE A 133 -2.49 5.46 12.33
N SER A 134 -1.84 6.54 12.75
N SER A 134 -1.85 6.55 12.75
CA SER A 134 -0.48 6.46 13.28
CA SER A 134 -0.50 6.46 13.28
C SER A 134 -0.46 5.54 14.50
C SER A 134 -0.46 5.53 14.50
N GLY A 135 0.40 4.51 14.45
CA GLY A 135 0.52 3.56 15.55
C GLY A 135 1.07 2.20 15.14
N SER A 136 1.21 1.32 16.12
CA SER A 136 1.74 -0.03 15.90
C SER A 136 1.06 -1.05 16.79
N LEU A 137 0.89 -2.26 16.27
CA LEU A 137 0.43 -3.39 17.07
C LEU A 137 1.51 -4.42 17.34
N PHE A 138 2.75 -4.13 16.93
CA PHE A 138 3.87 -5.02 17.27
C PHE A 138 4.25 -4.86 18.73
N ASP A 139 4.53 -5.98 19.38
CA ASP A 139 5.03 -5.96 20.75
C ASP A 139 6.44 -5.40 20.72
N GLU A 140 6.76 -4.53 21.67
CA GLU A 140 8.11 -3.96 21.76
C GLU A 140 9.18 -5.05 21.87
N ASN A 141 8.82 -6.19 22.46
CA ASN A 141 9.74 -7.32 22.60
C ASN A 141 9.92 -8.17 21.33
N THR A 142 9.08 -7.95 20.31
CA THR A 142 9.28 -8.60 19.02
C THR A 142 10.47 -7.98 18.32
N LYS A 143 11.53 -8.78 18.16
CA LYS A 143 12.80 -8.26 17.66
C LYS A 143 12.92 -8.33 16.14
N GLN A 144 12.26 -9.31 15.53
CA GLN A 144 12.38 -9.55 14.09
C GLN A 144 11.20 -8.94 13.32
N TRP A 145 11.51 -8.18 12.28
CA TRP A 145 10.50 -7.66 11.34
C TRP A 145 9.40 -6.87 12.07
N ASN A 146 9.83 -6.15 13.10
CA ASN A 146 8.97 -5.24 13.85
C ASN A 146 8.93 -3.94 13.08
N LEU A 147 7.77 -3.63 12.50
CA LEU A 147 7.67 -2.49 11.59
C LEU A 147 7.81 -1.13 12.27
N GLY A 148 7.75 -1.10 13.60
CA GLY A 148 8.09 0.10 14.37
C GLY A 148 9.55 0.22 14.77
N HIS A 149 10.37 -0.80 14.46
CA HIS A 149 11.79 -0.79 14.80
C HIS A 149 12.69 -0.85 13.56
N LEU A 150 12.16 -0.50 12.39
CA LEU A 150 12.98 -0.47 11.19
C LEU A 150 13.83 0.79 11.20
N GLY A 151 14.93 0.75 10.46
CA GLY A 151 15.75 1.94 10.24
C GLY A 151 14.96 2.93 9.40
N THR A 152 15.20 4.21 9.61
CA THR A 152 14.39 5.25 8.98
C THR A 152 14.85 5.56 7.56
N ILE A 153 13.94 6.07 6.74
CA ILE A 153 14.29 6.49 5.39
CA ILE A 153 14.28 6.50 5.38
C ILE A 153 15.26 7.68 5.45
N GLN A 154 15.12 8.51 6.48
CA GLN A 154 16.03 9.65 6.67
C GLN A 154 17.47 9.18 6.91
N ASP A 155 17.64 8.11 7.68
CA ASP A 155 18.97 7.56 7.93
C ASP A 155 19.53 6.87 6.69
N LEU A 156 18.66 6.27 5.88
CA LEU A 156 19.08 5.65 4.64
C LEU A 156 19.62 6.71 3.67
N LEU A 157 18.86 7.79 3.50
CA LEU A 157 19.28 8.89 2.63
CA LEU A 157 19.28 8.88 2.62
C LEU A 157 20.61 9.48 3.10
N GLU A 158 20.75 9.63 4.41
CA GLU A 158 21.97 10.13 5.00
C GLU A 158 23.14 9.18 4.71
N LYS A 159 22.91 7.89 4.89
CA LYS A 159 23.95 6.88 4.68
C LYS A 159 24.41 6.84 3.22
N GLU A 160 23.47 7.03 2.29
CA GLU A 160 23.78 6.97 0.85
C GLU A 160 24.29 8.28 0.26
N CSX A 161 23.71 9.39 0.71
CA CSX A 161 23.98 10.70 0.11
CB CSX A 161 22.64 11.40 -0.22
SG CSX A 161 21.59 10.61 -1.36
C CSX A 161 24.85 11.61 0.97
O CSX A 161 25.32 12.65 0.49
OD CSX A 161 22.47 10.30 -2.61
N GLY A 162 25.08 11.24 2.23
CA GLY A 162 25.94 12.01 3.13
C GLY A 162 25.33 13.29 3.68
N VAL A 163 24.01 13.41 3.58
CA VAL A 163 23.30 14.59 4.06
C VAL A 163 22.38 14.21 5.22
N VAL A 164 22.45 14.94 6.32
CA VAL A 164 21.50 14.73 7.42
C VAL A 164 20.24 15.52 7.10
N ILE A 165 19.08 14.92 7.33
CA ILE A 165 17.81 15.63 7.08
C ILE A 165 16.85 15.45 8.24
N GLU A 166 15.94 16.41 8.35
CA GLU A 166 14.85 16.35 9.33
C GLU A 166 13.84 15.27 8.91
N GLY A 167 12.98 14.90 9.84
CA GLY A 167 11.88 14.00 9.58
C GLY A 167 12.01 12.68 10.31
N VAL A 168 10.87 12.04 10.54
CA VAL A 168 10.80 10.76 11.22
C VAL A 168 9.71 9.97 10.50
N ASN A 169 9.93 8.70 10.23
CA ASN A 169 8.88 7.89 9.62
C ASN A 169 8.49 6.71 10.51
N THR A 170 7.18 6.60 10.72
CA THR A 170 6.58 5.67 11.68
C THR A 170 5.46 4.88 11.02
N PRO A 171 5.04 3.76 11.64
CA PRO A 171 4.03 2.92 10.98
C PRO A 171 2.61 3.45 11.11
N TYR A 172 1.74 2.94 10.24
CA TYR A 172 0.33 3.27 10.25
C TYR A 172 -0.50 1.99 10.31
N LEU A 173 -1.68 2.10 10.93
CA LEU A 173 -2.62 1.01 11.02
C LEU A 173 -3.78 1.25 10.08
N TYR A 174 -4.33 0.15 9.58
CA TYR A 174 -5.47 0.16 8.65
C TYR A 174 -6.50 -0.84 9.12
N PHE A 175 -7.64 -0.34 9.59
CA PHE A 175 -8.76 -1.20 9.98
C PHE A 175 -9.78 -1.25 8.85
N GLY A 176 -9.97 -2.44 8.29
CA GLY A 176 -10.75 -2.62 7.08
C GLY A 176 -12.03 -3.41 7.31
N MET A 177 -12.90 -3.35 6.32
CA MET A 177 -14.10 -4.18 6.23
C MET A 177 -14.29 -4.59 4.77
N TRP A 178 -15.24 -5.49 4.53
CA TRP A 178 -15.57 -5.92 3.16
C TRP A 178 -15.72 -4.71 2.24
N LYS A 179 -15.12 -4.83 1.05
CA LYS A 179 -15.16 -3.80 -0.01
C LYS A 179 -14.28 -2.56 0.20
N THR A 180 -13.70 -2.36 1.39
CA THR A 180 -12.79 -1.24 1.57
C THR A 180 -11.65 -1.44 0.58
N THR A 181 -11.18 -0.34 0.01
CA THR A 181 -10.42 -0.34 -1.22
C THR A 181 -9.21 0.57 -1.14
N PHE A 182 -8.07 0.09 -1.61
CA PHE A 182 -6.94 0.97 -1.88
C PHE A 182 -6.75 1.13 -3.40
N ALA A 183 -6.77 2.39 -3.81
CA ALA A 183 -6.72 2.76 -5.21
C ALA A 183 -5.32 2.54 -5.79
N TRP A 184 -5.25 2.52 -7.11
CA TRP A 184 -3.99 2.36 -7.83
C TRP A 184 -2.99 3.47 -7.47
N HIS A 185 -1.81 3.08 -7.00
CA HIS A 185 -0.77 4.03 -6.66
C HIS A 185 0.60 3.37 -6.51
N THR A 186 1.64 4.18 -6.55
CA THR A 186 2.94 3.81 -6.01
C THR A 186 3.08 4.59 -4.72
N GLU A 187 4.11 4.25 -3.94
CA GLU A 187 4.33 4.93 -2.67
C GLU A 187 4.86 6.34 -2.90
N ASP A 188 4.75 7.18 -1.88
CA ASP A 188 5.37 8.50 -1.90
C ASP A 188 6.85 8.34 -2.29
N MET A 189 7.35 9.22 -3.17
CA MET A 189 8.73 9.16 -3.70
C MET A 189 9.11 7.79 -4.27
N ASP A 190 8.11 7.00 -4.67
CA ASP A 190 8.30 5.63 -5.13
C ASP A 190 9.14 4.78 -4.17
N LEU A 191 8.88 4.96 -2.88
CA LEU A 191 9.52 4.17 -1.83
C LEU A 191 9.03 2.73 -1.85
N TYR A 192 9.71 1.88 -1.10
CA TYR A 192 9.19 0.56 -0.78
C TYR A 192 8.11 0.74 0.27
N SER A 193 7.26 -0.28 0.42
CA SER A 193 6.38 -0.38 1.57
CA SER A 193 6.38 -0.39 1.57
C SER A 193 6.39 -1.81 2.07
N ILE A 194 6.15 -1.97 3.37
CA ILE A 194 5.99 -3.28 3.95
C ILE A 194 4.68 -3.25 4.75
N ASN A 195 3.89 -4.30 4.58
CA ASN A 195 2.53 -4.40 5.12
C ASN A 195 2.38 -5.74 5.82
N TYR A 196 1.99 -5.71 7.09
CA TYR A 196 1.70 -6.93 7.84
C TYR A 196 0.21 -6.98 8.18
N LEU A 197 -0.42 -8.10 7.83
CA LEU A 197 -1.82 -8.29 8.14
C LEU A 197 -1.89 -8.97 9.51
N HIS A 198 -2.21 -8.16 10.52
CA HIS A 198 -2.19 -8.60 11.92
C HIS A 198 -3.28 -9.62 12.24
N LEU A 199 -4.48 -9.39 11.72
N LEU A 199 -4.47 -9.40 11.71
CA LEU A 199 -5.63 -10.17 12.13
CA LEU A 199 -5.67 -10.06 12.19
C LEU A 199 -6.77 -9.97 11.16
C LEU A 199 -6.80 -9.94 11.19
N GLY A 200 -7.67 -10.95 11.15
CA GLY A 200 -8.92 -10.86 10.41
C GLY A 200 -8.91 -11.46 9.02
N GLU A 201 -9.83 -10.98 8.20
CA GLU A 201 -10.05 -11.52 6.86
C GLU A 201 -8.97 -11.04 5.89
N PRO A 202 -8.85 -11.72 4.73
CA PRO A 202 -7.76 -11.40 3.81
C PRO A 202 -7.81 -10.03 3.13
N LYS A 203 -6.73 -9.73 2.41
CA LYS A 203 -6.58 -8.53 1.61
C LYS A 203 -6.08 -8.99 0.25
N THR A 204 -6.82 -8.69 -0.81
CA THR A 204 -6.41 -9.05 -2.17
C THR A 204 -5.68 -7.88 -2.82
N TRP A 205 -4.53 -8.18 -3.43
CA TRP A 205 -3.64 -7.20 -4.04
C TRP A 205 -3.57 -7.40 -5.55
N TYR A 206 -3.50 -6.31 -6.28
CA TYR A 206 -3.13 -6.30 -7.70
C TYR A 206 -1.89 -5.43 -7.84
N VAL A 207 -1.01 -5.80 -8.78
CA VAL A 207 0.24 -5.09 -8.94
C VAL A 207 0.70 -5.12 -10.39
N VAL A 208 1.27 -4.01 -10.84
CA VAL A 208 1.91 -3.90 -12.15
C VAL A 208 3.43 -3.89 -11.96
N PRO A 209 4.17 -4.70 -12.74
CA PRO A 209 5.63 -4.66 -12.65
C PRO A 209 6.18 -3.25 -12.85
N PRO A 210 7.17 -2.83 -12.04
CA PRO A 210 7.76 -1.49 -12.19
C PRO A 210 8.22 -1.16 -13.61
N GLU A 211 8.76 -2.14 -14.34
CA GLU A 211 9.21 -1.90 -15.70
C GLU A 211 8.07 -1.56 -16.67
N HIS A 212 6.83 -1.84 -16.27
CA HIS A 212 5.65 -1.53 -17.09
C HIS A 212 4.69 -0.50 -16.48
N GLY A 213 5.15 0.21 -15.44
CA GLY A 213 4.33 1.21 -14.76
C GLY A 213 3.77 2.29 -15.68
N GLN A 214 4.57 2.75 -16.63
CA GLN A 214 4.14 3.79 -17.56
C GLN A 214 2.98 3.34 -18.46
N ARG A 215 2.85 2.03 -18.68
CA ARG A 215 1.71 1.48 -19.42
C ARG A 215 0.42 1.69 -18.64
N LEU A 216 0.46 1.45 -17.33
CA LEU A 216 -0.70 1.69 -16.49
C LEU A 216 -1.06 3.18 -16.48
N GLU A 217 -0.05 4.03 -16.36
CA GLU A 217 -0.25 5.48 -16.35
C GLU A 217 -0.94 5.94 -17.62
N ARG A 218 -0.48 5.43 -18.77
CA ARG A 218 -1.06 5.76 -20.06
CA ARG A 218 -1.05 5.75 -20.07
C ARG A 218 -2.53 5.38 -20.11
N LEU A 219 -2.84 4.16 -19.65
CA LEU A 219 -4.23 3.70 -19.62
C LEU A 219 -5.07 4.56 -18.69
N ALA A 220 -4.52 4.89 -17.52
CA ALA A 220 -5.22 5.74 -16.54
C ALA A 220 -5.60 7.10 -17.14
N ARG A 221 -4.69 7.73 -17.89
CA ARG A 221 -4.97 9.01 -18.53
C ARG A 221 -6.15 8.90 -19.50
N GLU A 222 -6.22 7.77 -20.20
CA GLU A 222 -7.32 7.52 -21.13
CA GLU A 222 -7.32 7.52 -21.13
C GLU A 222 -8.63 7.26 -20.39
N LEU A 223 -8.57 6.51 -19.30
CA LEU A 223 -9.77 6.15 -18.55
C LEU A 223 -10.29 7.24 -17.62
N PHE A 224 -9.39 8.14 -17.19
CA PHE A 224 -9.77 9.26 -16.32
C PHE A 224 -9.32 10.60 -16.92
N PRO A 225 -9.90 10.98 -18.07
CA PRO A 225 -9.43 12.17 -18.79
C PRO A 225 -9.52 13.49 -17.98
N GLY A 226 -10.59 13.67 -17.23
CA GLY A 226 -10.73 14.86 -16.38
C GLY A 226 -9.63 14.97 -15.35
N SER A 227 -9.43 13.89 -14.58
CA SER A 227 -8.37 13.83 -13.57
C SER A 227 -6.98 14.04 -14.18
N SER A 228 -6.77 13.47 -15.37
CA SER A 228 -5.48 13.59 -16.05
C SER A 228 -5.16 15.04 -16.44
N ARG A 229 -6.13 15.73 -17.00
CA ARG A 229 -5.97 17.15 -17.35
C ARG A 229 -5.71 18.00 -16.11
N GLY A 230 -6.34 17.66 -14.99
CA GLY A 230 -6.13 18.38 -13.74
C GLY A 230 -4.75 18.23 -13.11
N CYS A 231 -4.08 17.12 -13.39
CA CYS A 231 -2.79 16.82 -12.76
C CYS A 231 -1.98 15.79 -13.52
N GLY A 232 -0.72 16.13 -13.81
CA GLY A 232 0.21 15.25 -14.50
C GLY A 232 0.61 13.98 -13.74
N ALA A 233 0.29 13.94 -12.44
CA ALA A 233 0.54 12.77 -11.61
C ALA A 233 -0.68 12.47 -10.73
N PHE A 234 -1.85 12.42 -11.36
CA PHE A 234 -3.11 12.30 -10.61
C PHE A 234 -3.26 11.00 -9.82
N LEU A 235 -2.55 9.95 -10.23
CA LEU A 235 -2.60 8.69 -9.46
C LEU A 235 -2.08 8.89 -8.04
N ARG A 236 -1.26 9.93 -7.83
CA ARG A 236 -0.84 10.37 -6.48
C ARG A 236 -2.02 10.73 -5.57
N HIS A 237 -3.17 11.05 -6.15
CA HIS A 237 -4.36 11.38 -5.34
C HIS A 237 -4.95 10.13 -4.72
N LYS A 238 -4.59 8.97 -5.27
CA LYS A 238 -5.02 7.67 -4.75
C LYS A 238 -6.53 7.56 -4.72
N VAL A 239 -7.14 7.76 -5.90
CA VAL A 239 -8.59 7.67 -6.05
C VAL A 239 -9.07 6.78 -7.20
N ALA A 240 -8.16 6.32 -8.06
CA ALA A 240 -8.56 5.64 -9.30
C ALA A 240 -8.52 4.12 -9.16
N LEU A 241 -9.61 3.46 -9.56
CA LEU A 241 -9.67 2.00 -9.61
C LEU A 241 -9.96 1.51 -11.03
N ILE A 242 -9.23 0.47 -11.42
CA ILE A 242 -9.37 -0.18 -12.73
C ILE A 242 -9.35 -1.68 -12.45
N SER A 243 -10.36 -2.40 -12.90
CA SER A 243 -10.50 -3.83 -12.60
C SER A 243 -9.51 -4.69 -13.41
N PRO A 244 -9.26 -5.92 -12.95
CA PRO A 244 -8.41 -6.85 -13.71
C PRO A 244 -8.90 -7.15 -15.13
N THR A 245 -10.22 -7.16 -15.31
CA THR A 245 -10.82 -7.38 -16.62
C THR A 245 -10.49 -6.25 -17.58
N VAL A 246 -10.58 -5.01 -17.11
CA VAL A 246 -10.27 -3.84 -17.92
C VAL A 246 -8.76 -3.77 -18.21
N LEU A 247 -7.94 -4.12 -17.23
CA LEU A 247 -6.48 -4.18 -17.44
C LEU A 247 -6.14 -5.20 -18.53
N LYS A 248 -6.77 -6.36 -18.42
CA LYS A 248 -6.60 -7.44 -19.40
C LYS A 248 -7.06 -7.01 -20.79
N GLU A 249 -8.22 -6.36 -20.88
CA GLU A 249 -8.73 -5.85 -22.17
C GLU A 249 -7.75 -4.88 -22.83
N ASN A 250 -7.00 -4.15 -21.99
CA ASN A 250 -6.08 -3.13 -22.49
C ASN A 250 -4.61 -3.56 -22.50
N GLY A 251 -4.38 -4.86 -22.31
CA GLY A 251 -3.04 -5.44 -22.40
C GLY A 251 -2.05 -5.00 -21.33
N ILE A 252 -2.55 -4.59 -20.16
CA ILE A 252 -1.65 -4.14 -19.09
C ILE A 252 -1.13 -5.36 -18.34
N PRO A 253 0.19 -5.53 -18.27
CA PRO A 253 0.69 -6.66 -17.49
C PRO A 253 0.49 -6.43 -16.00
N PHE A 254 -0.09 -7.41 -15.33
CA PHE A 254 -0.29 -7.32 -13.90
C PHE A 254 -0.38 -8.70 -13.29
N ASN A 255 -0.31 -8.75 -11.96
CA ASN A 255 -0.53 -9.97 -11.21
C ASN A 255 -1.40 -9.71 -10.00
N ARG A 256 -1.94 -10.78 -9.43
CA ARG A 256 -2.77 -10.68 -8.25
C ARG A 256 -2.39 -11.75 -7.24
N ILE A 257 -2.62 -11.45 -5.97
CA ILE A 257 -2.34 -12.39 -4.89
C ILE A 257 -3.14 -11.96 -3.68
N THR A 258 -3.55 -12.93 -2.88
CA THR A 258 -4.31 -12.66 -1.67
C THR A 258 -3.44 -12.86 -0.42
N GLN A 259 -3.37 -11.82 0.40
CA GLN A 259 -2.62 -11.82 1.65
C GLN A 259 -3.56 -12.25 2.77
N GLU A 260 -3.08 -13.15 3.63
CA GLU A 260 -3.85 -13.64 4.77
C GLU A 260 -3.17 -13.21 6.07
N ALA A 261 -3.94 -13.24 7.15
CA ALA A 261 -3.44 -12.83 8.46
C ALA A 261 -2.15 -13.58 8.80
N GLY A 262 -1.18 -12.86 9.34
CA GLY A 262 0.11 -13.45 9.70
C GLY A 262 1.15 -13.38 8.60
N GLU A 263 0.81 -12.75 7.48
CA GLU A 263 1.72 -12.67 6.33
C GLU A 263 2.12 -11.22 6.04
N PHE A 264 3.35 -11.04 5.56
CA PHE A 264 3.86 -9.76 5.13
C PHE A 264 3.77 -9.63 3.62
N MET A 265 3.53 -8.41 3.15
CA MET A 265 3.67 -8.06 1.74
C MET A 265 4.65 -6.91 1.65
N VAL A 266 5.57 -6.98 0.69
CA VAL A 266 6.48 -5.89 0.38
C VAL A 266 6.17 -5.37 -1.01
N THR A 267 5.96 -4.07 -1.14
CA THR A 267 5.89 -3.43 -2.45
C THR A 267 7.23 -2.78 -2.75
N PHE A 268 7.64 -2.88 -4.00
CA PHE A 268 8.95 -2.39 -4.43
C PHE A 268 8.81 -1.05 -5.16
N PRO A 269 9.91 -0.29 -5.25
CA PRO A 269 9.87 1.02 -5.88
C PRO A 269 9.21 1.06 -7.25
N TYR A 270 8.20 1.93 -7.37
CA TYR A 270 7.46 2.16 -8.61
C TYR A 270 6.59 0.97 -9.03
N GLY A 271 6.22 0.14 -8.05
CA GLY A 271 5.29 -0.96 -8.27
C GLY A 271 3.88 -0.50 -7.95
N TYR A 272 3.13 -0.17 -9.01
CA TYR A 272 1.74 0.24 -8.86
C TYR A 272 0.93 -0.89 -8.23
N HIS A 273 0.11 -0.56 -7.25
CA HIS A 273 -0.74 -1.56 -6.62
C HIS A 273 -2.08 -1.01 -6.17
N ALA A 274 -3.03 -1.93 -6.03
CA ALA A 274 -4.39 -1.63 -5.62
C ALA A 274 -4.96 -2.91 -5.05
N GLY A 275 -6.07 -2.80 -4.35
CA GLY A 275 -6.73 -3.99 -3.82
C GLY A 275 -7.91 -3.69 -2.90
N PHE A 276 -8.34 -4.73 -2.20
CA PHE A 276 -9.52 -4.64 -1.35
C PHE A 276 -9.48 -5.66 -0.20
N ASN A 277 -10.21 -5.33 0.87
CA ASN A 277 -10.33 -6.20 2.03
C ASN A 277 -11.58 -7.08 1.92
N HIS A 278 -11.44 -8.30 2.42
CA HIS A 278 -12.48 -9.32 2.32
C HIS A 278 -13.53 -9.18 3.42
N GLY A 279 -13.14 -8.52 4.51
CA GLY A 279 -13.94 -8.48 5.73
C GLY A 279 -13.16 -7.76 6.80
N PHE A 280 -13.66 -7.79 8.04
CA PHE A 280 -12.99 -7.08 9.11
C PHE A 280 -11.53 -7.53 9.23
N ASN A 281 -10.61 -6.58 9.22
CA ASN A 281 -9.20 -6.89 9.43
C ASN A 281 -8.40 -5.69 9.94
N CYS A 282 -7.14 -5.93 10.22
CA CYS A 282 -6.24 -4.86 10.64
C CYS A 282 -4.87 -5.17 10.08
N ALA A 283 -4.34 -4.20 9.35
CA ALA A 283 -3.01 -4.29 8.79
C ALA A 283 -2.18 -3.15 9.35
N GLU A 284 -0.86 -3.34 9.32
CA GLU A 284 0.09 -2.30 9.69
C GLU A 284 1.09 -2.15 8.56
N ALA A 285 1.39 -0.92 8.18
CA ALA A 285 2.32 -0.64 7.09
C ALA A 285 3.25 0.53 7.38
N ILE A 286 4.42 0.49 6.74
CA ILE A 286 5.38 1.59 6.79
C ILE A 286 6.18 1.60 5.50
N ASN A 287 6.61 2.79 5.08
CA ASN A 287 7.56 2.91 3.99
C ASN A 287 8.98 2.65 4.46
N PHE A 288 9.81 2.12 3.57
CA PHE A 288 11.23 2.00 3.85
C PHE A 288 12.03 2.19 2.56
N ALA A 289 13.35 2.28 2.71
CA ALA A 289 14.26 2.48 1.60
C ALA A 289 15.46 1.56 1.70
N THR A 290 16.09 1.35 0.55
CA THR A 290 17.36 0.64 0.43
C THR A 290 18.25 1.48 -0.49
N PRO A 291 19.54 1.11 -0.64
CA PRO A 291 20.35 1.85 -1.62
C PRO A 291 19.76 1.88 -3.04
N ARG A 292 19.10 0.79 -3.45
CA ARG A 292 18.51 0.69 -4.79
C ARG A 292 17.33 1.67 -4.98
N TRP A 293 16.68 2.08 -3.90
CA TRP A 293 15.60 3.07 -4.02
C TRP A 293 16.07 4.45 -4.52
N ILE A 294 17.28 4.87 -4.14
CA ILE A 294 17.72 6.26 -4.40
C ILE A 294 17.41 6.72 -5.81
N ASP A 295 17.76 5.93 -6.82
CA ASP A 295 17.54 6.31 -8.21
C ASP A 295 16.06 6.42 -8.58
N TYR A 296 15.21 5.63 -7.93
CA TYR A 296 13.75 5.78 -8.08
C TYR A 296 13.23 7.06 -7.44
N GLY A 297 13.72 7.36 -6.23
CA GLY A 297 13.41 8.62 -5.58
C GLY A 297 13.70 9.83 -6.45
N LYS A 298 14.84 9.82 -7.13
CA LYS A 298 15.25 10.91 -8.02
C LYS A 298 14.31 11.13 -9.19
N MET A 299 13.66 10.06 -9.64
CA MET A 299 12.81 10.10 -10.83
C MET A 299 11.32 10.11 -10.52
N ALA A 300 10.94 10.02 -9.24
CA ALA A 300 9.53 9.92 -8.87
C ALA A 300 8.73 11.13 -9.35
N SER A 301 7.56 10.88 -9.94
N SER A 301 7.56 10.87 -9.93
CA SER A 301 6.66 11.95 -10.35
CA SER A 301 6.64 11.93 -10.34
C SER A 301 6.01 12.57 -9.12
C SER A 301 6.05 12.57 -9.09
N GLN A 302 5.75 13.87 -9.17
CA GLN A 302 5.16 14.59 -8.06
C GLN A 302 3.85 15.25 -8.45
N CYS A 303 2.89 15.20 -7.52
CA CYS A 303 1.67 15.99 -7.63
C CYS A 303 1.94 17.39 -7.06
N SER A 304 1.71 18.40 -7.89
CA SER A 304 1.85 19.80 -7.50
C SER A 304 0.55 20.60 -7.68
N CYS A 305 -0.57 19.89 -7.88
CA CYS A 305 -1.88 20.51 -8.03
C CYS A 305 -2.54 20.78 -6.67
N GLY A 306 -1.95 20.22 -5.60
CA GLY A 306 -2.42 20.45 -4.24
C GLY A 306 -3.28 19.35 -3.62
N GLU A 307 -3.77 18.44 -4.45
CA GLU A 307 -4.71 17.40 -3.99
C GLU A 307 -4.02 16.29 -3.17
N ALA A 308 -2.82 15.90 -3.57
CA ALA A 308 -2.10 14.82 -2.91
C ALA A 308 -1.68 15.21 -1.49
N ARG A 309 -1.83 14.27 -0.56
CA ARG A 309 -1.49 14.51 0.85
C ARG A 309 0.02 14.47 1.06
N SER A 313 7.86 14.70 6.23
CA SER A 313 9.09 14.01 5.80
C SER A 313 9.35 14.19 4.30
N MET A 314 8.28 14.24 3.52
CA MET A 314 8.38 14.37 2.07
CA MET A 314 8.39 14.37 2.06
C MET A 314 9.26 15.53 1.60
N ASP A 315 9.14 16.66 2.30
CA ASP A 315 9.86 17.89 1.93
C ASP A 315 11.32 17.63 1.63
N ALA A 316 11.99 16.97 2.58
CA ALA A 316 13.43 16.79 2.51
C ALA A 316 13.81 15.88 1.35
N PHE A 317 12.99 14.85 1.09
CA PHE A 317 13.32 13.94 0.01
CA PHE A 317 13.25 13.90 0.00
C PHE A 317 13.23 14.63 -1.34
N VAL A 318 12.23 15.48 -1.52
CA VAL A 318 12.11 16.27 -2.75
C VAL A 318 13.24 17.30 -2.81
N ARG A 319 13.49 17.96 -1.68
CA ARG A 319 14.52 19.00 -1.58
C ARG A 319 15.90 18.48 -1.99
N ILE A 320 16.26 17.30 -1.50
CA ILE A 320 17.58 16.74 -1.77
C ILE A 320 17.65 15.99 -3.10
N LEU A 321 16.68 15.13 -3.37
CA LEU A 321 16.74 14.28 -4.58
C LEU A 321 16.21 14.96 -5.84
N GLN A 322 15.33 15.94 -5.69
CA GLN A 322 14.69 16.62 -6.83
CA GLN A 322 14.67 16.61 -6.82
C GLN A 322 14.70 18.13 -6.64
N PRO A 323 15.89 18.72 -6.45
CA PRO A 323 15.98 20.17 -6.20
C PRO A 323 15.29 21.02 -7.27
N GLU A 324 15.38 20.62 -8.53
CA GLU A 324 14.71 21.36 -9.61
C GLU A 324 13.19 21.42 -9.43
N ARG A 325 12.58 20.32 -8.99
CA ARG A 325 11.13 20.28 -8.78
C ARG A 325 10.69 20.98 -7.49
N TYR A 326 11.61 21.15 -6.54
CA TYR A 326 11.26 21.54 -5.16
C TYR A 326 10.38 22.80 -5.04
N ASP A 327 10.77 23.89 -5.69
CA ASP A 327 10.01 25.15 -5.58
C ASP A 327 8.54 25.00 -6.03
N LEU A 328 8.33 24.48 -7.24
CA LEU A 328 6.97 24.29 -7.77
C LEU A 328 6.17 23.29 -6.93
N TRP A 329 6.82 22.21 -6.51
CA TRP A 329 6.16 21.23 -5.63
C TRP A 329 5.72 21.89 -4.32
N LYS A 330 6.56 22.78 -3.79
CA LYS A 330 6.27 23.48 -2.54
C LYS A 330 5.11 24.47 -2.68
N ARG A 331 4.94 25.05 -3.87
CA ARG A 331 3.78 25.90 -4.17
C ARG A 331 2.46 25.12 -4.10
N GLY A 332 2.47 23.88 -4.58
CA GLY A 332 1.29 23.02 -4.53
C GLY A 332 0.87 22.68 -3.11
N GLN A 333 1.86 22.45 -2.25
CA GLN A 333 1.60 22.16 -0.83
C GLN A 333 1.06 23.42 -0.14
ZN ZN B . -2.35 16.37 -8.20
CO CO C . 0.73 1.34 -0.98
C1 GOL D . 15.55 -4.67 11.69
O1 GOL D . 16.44 -5.58 11.02
C2 GOL D . 14.16 -5.28 11.88
O2 GOL D . 14.25 -6.71 11.98
C3 GOL D . 13.48 -4.69 13.12
O3 GOL D . 12.68 -5.68 13.79
O2 4SV E . -4.10 -2.06 2.84
C6 4SV E . -4.19 -0.94 2.36
O1 4SV E . -5.24 -0.13 2.55
C5 4SV E . -3.10 -0.40 1.49
C1 4SV E . -2.95 0.98 1.22
N1 4SV E . -3.80 1.91 1.75
C4 4SV E . -2.18 -1.28 0.91
C3 4SV E . -1.17 -0.77 0.10
N2 4SV E . -1.02 0.53 -0.16
C2 4SV E . -1.90 1.36 0.40
S SO4 F . -22.12 -7.99 -2.26
O1 SO4 F . -23.29 -8.90 -2.17
O2 SO4 F . -22.55 -6.72 -2.91
O3 SO4 F . -21.05 -8.60 -3.06
O4 SO4 F . -21.64 -7.70 -0.88
S SO4 G . -1.40 -8.88 24.48
O1 SO4 G . -2.29 -7.70 24.30
O2 SO4 G . -0.54 -8.66 25.67
O3 SO4 G . -0.56 -9.05 23.27
O4 SO4 G . -2.22 -10.09 24.68
S SO4 H . -23.91 -11.80 -7.13
O1 SO4 H . -23.14 -13.00 -6.75
O2 SO4 H . -23.76 -11.59 -8.59
O3 SO4 H . -23.39 -10.62 -6.41
O4 SO4 H . -25.33 -12.00 -6.80
S SO4 I . -18.56 -7.95 17.20
O1 SO4 I . -18.85 -8.05 15.75
O2 SO4 I . -19.19 -6.74 17.77
O3 SO4 I . -17.10 -7.91 17.40
O4 SO4 I . -19.10 -9.14 17.90
S SO4 J . -13.75 -24.38 -4.20
O1 SO4 J . -14.47 -24.72 -5.45
O2 SO4 J . -14.63 -23.60 -3.31
O3 SO4 J . -12.53 -23.60 -4.52
O4 SO4 J . -13.36 -25.63 -3.50
S SO4 K . 15.63 3.48 -12.45
O1 SO4 K . 16.10 4.20 -13.66
O2 SO4 K . 14.73 4.35 -11.66
O3 SO4 K . 16.80 3.08 -11.62
O4 SO4 K . 14.89 2.26 -12.88
S SO4 L . 2.12 3.55 4.46
O1 SO4 L . 2.16 4.95 3.97
O2 SO4 L . 2.60 3.49 5.86
O3 SO4 L . 2.96 2.68 3.59
O4 SO4 L . 0.72 3.07 4.41
#